data_4XRE
#
_entry.id   4XRE
#
_cell.length_a   143.400
_cell.length_b   143.400
_cell.length_c   143.400
_cell.angle_alpha   90.00
_cell.angle_beta   90.00
_cell.angle_gamma   90.00
#
_symmetry.space_group_name_H-M   'P 21 3'
#
loop_
_entity.id
_entity.type
_entity.pdbx_description
1 polymer 'Antifungal protein ginkbilobin-2'
2 non-polymer alpha-D-mannopyranose
3 water water
#
_entity_poly.entity_id   1
_entity_poly.type   'polypeptide(L)'
_entity_poly.pdbx_seq_one_letter_code
;MANTAFVSSACNTQKIPSGSPFNRNLRAMLADLRQNTAFSGYDYKTSRAGSGGAPTAYGRATCKQSISQSDCTACLSNLV
NRIFSICNNAIGARVQLVDCFIQYEQRSF
;
_entity_poly.pdbx_strand_id   A,B,C,D
#
# COMPACT_ATOMS: atom_id res chain seq x y z
N ALA A 2 3.17 -0.45 -19.95
CA ALA A 2 2.49 -1.69 -19.59
C ALA A 2 1.05 -1.75 -20.12
N ASN A 3 0.80 -2.56 -21.16
CA ASN A 3 -0.51 -2.52 -21.80
C ASN A 3 -1.52 -3.48 -21.21
N THR A 4 -2.62 -2.91 -20.70
CA THR A 4 -3.62 -3.66 -19.97
C THR A 4 -5.00 -3.65 -20.65
N ALA A 5 -5.02 -3.54 -21.97
CA ALA A 5 -6.30 -3.50 -22.70
C ALA A 5 -6.87 -4.91 -22.89
N PHE A 6 -8.19 -5.04 -22.76
CA PHE A 6 -8.83 -6.36 -22.76
C PHE A 6 -8.71 -7.11 -24.11
N VAL A 7 -8.45 -8.42 -24.06
CA VAL A 7 -8.37 -9.25 -25.28
C VAL A 7 -9.46 -10.32 -25.44
N SER A 8 -9.59 -11.20 -24.47
CA SER A 8 -10.57 -12.27 -24.57
C SER A 8 -10.91 -12.79 -23.19
N SER A 9 -12.08 -13.40 -23.06
CA SER A 9 -12.47 -13.97 -21.78
C SER A 9 -13.35 -15.22 -21.93
N ALA A 10 -13.27 -16.08 -20.92
CA ALA A 10 -14.15 -17.24 -20.81
C ALA A 10 -14.54 -17.44 -19.34
N CYS A 11 -15.84 -17.66 -19.11
CA CYS A 11 -16.39 -17.73 -17.75
C CYS A 11 -17.23 -18.98 -17.49
N ASN A 12 -17.08 -19.56 -16.32
CA ASN A 12 -17.94 -20.63 -15.88
C ASN A 12 -19.37 -20.16 -15.77
N THR A 13 -20.33 -20.95 -16.20
CA THR A 13 -21.73 -20.56 -16.02
C THR A 13 -22.08 -20.56 -14.53
N GLN A 14 -21.14 -21.02 -13.70
CA GLN A 14 -21.38 -21.19 -12.27
C GLN A 14 -20.62 -20.21 -11.37
N LYS A 15 -21.36 -19.56 -10.46
CA LYS A 15 -20.81 -18.48 -9.64
C LYS A 15 -20.47 -18.88 -8.20
N ILE A 16 -19.46 -18.22 -7.66
CA ILE A 16 -19.10 -18.35 -6.25
C ILE A 16 -20.26 -17.82 -5.41
N PRO A 17 -20.78 -18.64 -4.52
CA PRO A 17 -21.90 -18.24 -3.72
C PRO A 17 -21.50 -17.11 -2.86
N SER A 18 -22.41 -16.21 -2.65
CA SER A 18 -22.17 -15.09 -1.78
C SER A 18 -21.68 -15.59 -0.46
N GLY A 19 -20.53 -15.14 -0.05
CA GLY A 19 -19.96 -15.61 1.20
C GLY A 19 -19.19 -16.89 1.06
N SER A 20 -19.12 -17.43 -0.13
CA SER A 20 -18.52 -18.76 -0.18
C SER A 20 -17.11 -18.66 0.34
N PRO A 21 -16.75 -19.60 1.23
CA PRO A 21 -15.38 -19.80 1.71
C PRO A 21 -14.37 -19.83 0.56
N PHE A 22 -14.81 -20.18 -0.65
CA PHE A 22 -13.92 -20.18 -1.80
C PHE A 22 -13.24 -18.82 -1.94
N ASN A 23 -14.00 -17.76 -1.72
CA ASN A 23 -13.50 -16.40 -1.89
C ASN A 23 -12.14 -16.12 -1.28
N ARG A 24 -11.80 -16.78 -0.18
CA ARG A 24 -10.60 -16.44 0.59
C ARG A 24 -9.31 -17.07 0.06
N ASN A 25 -9.32 -18.39 -0.15
CA ASN A 25 -8.15 -19.06 -0.69
C ASN A 25 -7.98 -18.66 -2.14
N LEU A 26 -9.11 -18.49 -2.82
CA LEU A 26 -9.12 -17.94 -4.18
C LEU A 26 -8.31 -16.65 -4.23
N ARG A 27 -8.76 -15.64 -3.49
CA ARG A 27 -8.04 -14.38 -3.51
C ARG A 27 -6.60 -14.58 -3.05
N ALA A 28 -6.40 -15.38 -2.00
CA ALA A 28 -5.06 -15.61 -1.41
C ALA A 28 -4.07 -16.20 -2.42
N MET A 29 -4.63 -16.94 -3.37
CA MET A 29 -3.87 -17.60 -4.41
C MET A 29 -3.53 -16.62 -5.54
N LEU A 30 -4.47 -15.73 -5.84
CA LEU A 30 -4.31 -14.76 -6.92
C LEU A 30 -3.18 -13.80 -6.61
N ALA A 31 -2.92 -13.61 -5.32
CA ALA A 31 -1.85 -12.73 -4.89
C ALA A 31 -0.52 -13.43 -5.05
N ASP A 32 -0.51 -14.74 -4.86
CA ASP A 32 0.70 -15.52 -5.11
C ASP A 32 1.06 -15.38 -6.58
N LEU A 33 0.08 -15.54 -7.46
CA LEU A 33 0.27 -15.29 -8.88
C LEU A 33 0.76 -13.86 -9.11
N ARG A 34 0.08 -12.91 -8.49
CA ARG A 34 0.38 -11.48 -8.67
C ARG A 34 1.83 -11.13 -8.33
N GLN A 35 2.33 -11.74 -7.25
CA GLN A 35 3.62 -11.35 -6.69
C GLN A 35 4.83 -12.11 -7.25
N ASN A 36 4.58 -13.28 -7.81
CA ASN A 36 5.65 -14.24 -8.10
C ASN A 36 5.94 -14.58 -9.57
N THR A 37 5.04 -14.20 -10.48
CA THR A 37 5.19 -14.59 -11.88
C THR A 37 6.35 -13.87 -12.56
N ALA A 38 6.54 -12.59 -12.26
CA ALA A 38 7.64 -11.84 -12.84
C ALA A 38 8.98 -12.55 -12.59
N PHE A 39 9.07 -13.22 -11.44
CA PHE A 39 10.31 -13.81 -10.98
C PHE A 39 10.35 -15.33 -11.13
N SER A 40 9.21 -15.93 -11.42
CA SER A 40 9.15 -17.36 -11.67
C SER A 40 9.15 -17.63 -13.16
N GLY A 41 9.46 -16.62 -13.96
CA GLY A 41 9.59 -16.83 -15.37
C GLY A 41 8.55 -16.40 -16.34
N TYR A 42 7.71 -15.51 -15.92
CA TYR A 42 6.65 -14.90 -16.70
C TYR A 42 5.57 -15.86 -17.08
N ASP A 43 5.49 -16.97 -16.40
CA ASP A 43 4.38 -17.87 -16.55
C ASP A 43 4.44 -18.80 -15.39
N TYR A 44 3.42 -18.79 -14.54
CA TYR A 44 3.55 -19.36 -13.23
C TYR A 44 2.23 -19.84 -12.78
N LYS A 45 2.21 -20.96 -12.08
CA LYS A 45 0.98 -21.57 -11.61
C LYS A 45 1.08 -21.78 -10.10
N THR A 46 -0.05 -21.74 -9.41
CA THR A 46 -0.04 -22.00 -7.98
C THR A 46 -1.44 -22.44 -7.56
N SER A 47 -1.60 -22.81 -6.29
CA SER A 47 -2.86 -23.31 -5.77
C SER A 47 -3.05 -22.92 -4.30
N ARG A 48 -4.27 -23.09 -3.79
CA ARG A 48 -4.54 -22.87 -2.37
C ARG A 48 -5.63 -23.82 -1.87
N ALA A 49 -5.30 -24.61 -0.85
CA ALA A 49 -6.27 -25.56 -0.34
C ALA A 49 -7.37 -24.79 0.37
N GLY A 50 -8.61 -25.20 0.16
CA GLY A 50 -9.72 -24.54 0.82
C GLY A 50 -9.82 -25.03 2.26
N SER A 51 -10.56 -24.29 3.09
CA SER A 51 -11.01 -24.82 4.37
C SER A 51 -12.52 -24.69 4.41
N GLY A 52 -13.15 -25.36 5.37
CA GLY A 52 -14.60 -25.30 5.49
C GLY A 52 -15.32 -25.75 4.23
N GLY A 53 -14.94 -26.91 3.70
CA GLY A 53 -15.67 -27.57 2.62
C GLY A 53 -15.45 -27.06 1.21
N ALA A 54 -14.91 -25.85 1.11
CA ALA A 54 -14.60 -25.25 -0.19
C ALA A 54 -13.46 -26.01 -0.87
N PRO A 55 -13.47 -26.03 -2.21
CA PRO A 55 -12.47 -26.76 -3.02
C PRO A 55 -11.09 -26.12 -2.94
N THR A 56 -10.09 -26.78 -3.52
CA THR A 56 -8.78 -26.18 -3.67
C THR A 56 -8.84 -25.28 -4.90
N ALA A 57 -7.98 -24.27 -4.95
CA ALA A 57 -7.99 -23.34 -6.07
C ALA A 57 -6.65 -23.37 -6.83
N TYR A 58 -6.73 -23.58 -8.13
CA TYR A 58 -5.56 -23.62 -8.99
C TYR A 58 -5.64 -22.52 -10.02
N GLY A 59 -4.52 -21.86 -10.27
CA GLY A 59 -4.47 -20.81 -11.26
C GLY A 59 -3.12 -20.76 -11.92
N ARG A 60 -3.08 -20.04 -13.04
CA ARG A 60 -1.85 -19.81 -13.80
C ARG A 60 -1.82 -18.37 -14.28
N ALA A 61 -0.61 -17.84 -14.47
CA ALA A 61 -0.47 -16.48 -14.91
C ALA A 61 0.76 -16.35 -15.77
N THR A 62 0.64 -15.55 -16.82
CA THR A 62 1.75 -15.32 -17.71
C THR A 62 1.86 -13.85 -17.98
N CYS A 63 3.08 -13.39 -18.27
CA CYS A 63 3.29 -12.03 -18.70
C CYS A 63 3.87 -12.06 -20.10
N LYS A 64 3.65 -10.98 -20.84
CA LYS A 64 4.37 -10.73 -22.07
C LYS A 64 5.87 -10.69 -21.76
N GLN A 65 6.61 -11.67 -22.25
CA GLN A 65 8.04 -11.74 -21.99
C GLN A 65 8.74 -10.39 -22.18
N SER A 66 8.36 -9.66 -23.22
CA SER A 66 9.03 -8.41 -23.57
C SER A 66 8.84 -7.29 -22.53
N ILE A 67 7.85 -7.43 -21.66
CA ILE A 67 7.58 -6.41 -20.65
C ILE A 67 8.49 -6.59 -19.43
N SER A 68 8.52 -5.60 -18.54
CA SER A 68 9.43 -5.66 -17.38
C SER A 68 8.82 -6.41 -16.20
N GLN A 69 9.62 -6.63 -15.16
CA GLN A 69 9.12 -7.33 -13.99
C GLN A 69 8.08 -6.47 -13.27
N SER A 70 8.34 -5.17 -13.17
CA SER A 70 7.40 -4.26 -12.54
C SER A 70 6.13 -4.12 -13.37
N ASP A 71 6.30 -4.11 -14.69
CA ASP A 71 5.18 -4.00 -15.63
C ASP A 71 4.41 -5.32 -15.72
N CYS A 72 5.08 -6.43 -15.44
CA CYS A 72 4.41 -7.73 -15.35
C CYS A 72 3.57 -7.80 -14.08
N THR A 73 4.17 -7.42 -12.96
CA THR A 73 3.47 -7.39 -11.69
C THR A 73 2.30 -6.39 -11.69
N ALA A 74 2.40 -5.36 -12.55
CA ALA A 74 1.40 -4.29 -12.59
C ALA A 74 0.14 -4.73 -13.33
N CYS A 75 0.35 -5.35 -14.49
CA CYS A 75 -0.74 -5.85 -15.31
C CYS A 75 -1.55 -6.86 -14.53
N LEU A 76 -0.89 -7.74 -13.80
CA LEU A 76 -1.60 -8.78 -13.08
C LEU A 76 -2.48 -8.19 -11.97
N SER A 77 -1.96 -7.18 -11.28
CA SER A 77 -2.76 -6.48 -10.28
C SER A 77 -3.94 -5.85 -10.98
N ASN A 78 -3.66 -5.15 -12.07
CA ASN A 78 -4.73 -4.58 -12.86
C ASN A 78 -5.79 -5.64 -13.20
N LEU A 79 -5.32 -6.85 -13.49
CA LEU A 79 -6.20 -7.93 -13.95
C LEU A 79 -7.02 -8.55 -12.80
N VAL A 80 -6.39 -8.77 -11.67
CA VAL A 80 -7.01 -9.28 -10.48
C VAL A 80 -8.19 -8.46 -10.01
N ASN A 81 -8.21 -7.19 -10.28
CA ASN A 81 -9.30 -6.38 -9.85
C ASN A 81 -10.29 -6.15 -10.95
N ARG A 82 -10.34 -7.07 -11.87
CA ARG A 82 -11.14 -6.92 -13.04
C ARG A 82 -11.68 -8.24 -13.43
N ILE A 83 -11.03 -9.31 -13.02
CA ILE A 83 -11.40 -10.63 -13.46
C ILE A 83 -12.65 -11.10 -12.77
N PHE A 84 -12.95 -10.52 -11.63
CA PHE A 84 -14.21 -10.87 -10.96
C PHE A 84 -15.42 -10.21 -11.61
N SER A 85 -15.21 -9.00 -12.11
CA SER A 85 -16.22 -8.22 -12.81
C SER A 85 -16.48 -8.78 -14.22
N ILE A 86 -15.38 -9.04 -14.94
CA ILE A 86 -15.44 -9.65 -16.26
C ILE A 86 -16.30 -10.92 -16.28
N CYS A 87 -16.21 -11.70 -15.21
CA CYS A 87 -16.90 -12.98 -15.14
C CYS A 87 -17.90 -13.08 -13.99
N ASN A 88 -18.25 -11.93 -13.41
CA ASN A 88 -19.32 -11.89 -12.43
C ASN A 88 -19.15 -12.94 -11.34
N ASN A 89 -17.99 -12.93 -10.69
CA ASN A 89 -17.71 -13.78 -9.53
C ASN A 89 -17.83 -15.27 -9.81
N ALA A 90 -17.11 -15.82 -10.77
CA ALA A 90 -17.29 -17.19 -11.21
C ALA A 90 -16.39 -18.16 -10.51
N ILE A 91 -16.76 -19.42 -10.55
CA ILE A 91 -15.97 -20.43 -9.92
C ILE A 91 -14.80 -20.84 -10.76
N GLY A 92 -14.50 -20.09 -11.80
CA GLY A 92 -13.36 -20.38 -12.60
C GLY A 92 -13.29 -19.42 -13.73
N ALA A 93 -12.10 -19.09 -14.16
CA ALA A 93 -12.10 -18.19 -15.30
C ALA A 93 -10.72 -18.02 -15.93
N ARG A 94 -10.73 -17.67 -17.21
CA ARG A 94 -9.53 -17.24 -17.92
C ARG A 94 -9.77 -15.82 -18.39
N VAL A 95 -8.74 -14.98 -18.30
CA VAL A 95 -8.82 -13.64 -18.86
C VAL A 95 -7.54 -13.25 -19.58
N GLN A 96 -7.69 -12.83 -20.82
CA GLN A 96 -6.55 -12.42 -21.62
C GLN A 96 -6.57 -10.90 -21.84
N LEU A 97 -5.53 -10.24 -21.34
CA LEU A 97 -5.30 -8.83 -21.66
C LEU A 97 -4.07 -8.76 -22.53
N VAL A 98 -3.72 -7.57 -23.01
CA VAL A 98 -2.56 -7.42 -23.89
C VAL A 98 -1.26 -7.98 -23.30
N ASP A 99 -0.84 -7.47 -22.15
CA ASP A 99 0.45 -7.87 -21.62
C ASP A 99 0.43 -9.03 -20.63
N CYS A 100 -0.75 -9.50 -20.22
CA CYS A 100 -0.80 -10.53 -19.18
C CYS A 100 -2.08 -11.36 -19.12
N PHE A 101 -1.93 -12.58 -18.62
CA PHE A 101 -2.99 -13.59 -18.61
C PHE A 101 -3.15 -14.15 -17.21
N ILE A 102 -4.38 -14.46 -16.81
CA ILE A 102 -4.60 -15.16 -15.58
C ILE A 102 -5.68 -16.18 -15.78
N GLN A 103 -5.55 -17.34 -15.16
CA GLN A 103 -6.67 -18.25 -15.13
C GLN A 103 -6.77 -18.81 -13.74
N TYR A 104 -8.01 -19.07 -13.32
CA TYR A 104 -8.23 -19.78 -12.06
C TYR A 104 -9.39 -20.74 -12.21
N GLU A 105 -9.33 -21.84 -11.46
CA GLU A 105 -10.34 -22.90 -11.54
C GLU A 105 -10.42 -23.64 -10.22
N GLN A 106 -11.44 -24.48 -10.07
CA GLN A 106 -11.62 -25.25 -8.84
C GLN A 106 -11.06 -26.68 -8.93
N ARG A 107 -10.51 -27.02 -10.09
CA ARG A 107 -9.76 -28.26 -10.24
C ARG A 107 -8.39 -27.93 -10.81
N SER A 108 -7.64 -28.98 -11.13
CA SER A 108 -6.34 -28.80 -11.77
C SER A 108 -6.49 -28.75 -13.29
N PHE A 109 -5.62 -27.98 -13.94
CA PHE A 109 -5.70 -27.78 -15.38
C PHE A 109 -4.32 -27.62 -15.99
N ALA B 2 -8.85 16.26 -5.61
CA ALA B 2 -7.84 17.12 -4.99
C ALA B 2 -7.02 17.89 -6.00
N ASN B 3 -7.07 19.22 -5.91
CA ASN B 3 -6.25 20.07 -6.75
C ASN B 3 -4.86 20.22 -6.12
N THR B 4 -3.87 19.56 -6.72
CA THR B 4 -2.51 19.52 -6.16
C THR B 4 -1.52 20.48 -6.83
N ALA B 5 -2.02 21.40 -7.65
CA ALA B 5 -1.15 22.33 -8.38
C ALA B 5 -0.35 23.20 -7.42
N PHE B 6 0.81 23.66 -7.84
CA PHE B 6 1.70 24.37 -6.97
C PHE B 6 1.33 25.83 -6.94
N VAL B 7 1.50 26.46 -5.77
CA VAL B 7 1.20 27.87 -5.50
C VAL B 7 2.32 28.67 -4.86
N SER B 8 2.82 28.24 -3.71
CA SER B 8 3.68 29.06 -2.86
C SER B 8 4.70 28.23 -2.11
N SER B 9 5.83 28.83 -1.78
CA SER B 9 6.72 28.18 -0.84
C SER B 9 7.76 29.13 -0.23
N ALA B 10 8.34 28.69 0.87
CA ALA B 10 9.46 29.36 1.53
C ALA B 10 10.27 28.26 2.18
N CYS B 11 11.57 28.21 1.94
CA CYS B 11 12.41 27.13 2.44
C CYS B 11 13.49 27.69 3.40
N ASN B 12 13.94 26.91 4.38
CA ASN B 12 15.08 27.23 5.22
C ASN B 12 16.36 26.94 4.44
N THR B 13 17.25 27.92 4.36
CA THR B 13 18.49 27.77 3.58
C THR B 13 19.33 26.57 4.00
N GLN B 14 19.15 26.10 5.23
CA GLN B 14 19.88 24.95 5.73
C GLN B 14 19.25 23.64 5.40
N LYS B 15 20.04 22.72 4.92
CA LYS B 15 19.53 21.42 4.48
C LYS B 15 19.78 20.31 5.49
N ILE B 16 18.81 19.40 5.65
CA ILE B 16 18.99 18.27 6.55
C ILE B 16 20.22 17.51 6.09
N PRO B 17 21.24 17.38 6.96
CA PRO B 17 22.51 16.71 6.66
C PRO B 17 22.31 15.26 6.19
N SER B 18 23.25 14.76 5.39
CA SER B 18 23.16 13.42 4.84
C SER B 18 23.22 12.33 5.93
N GLY B 19 22.20 11.46 5.97
CA GLY B 19 22.16 10.38 6.93
C GLY B 19 21.56 10.74 8.29
N SER B 20 21.22 12.01 8.47
CA SER B 20 20.67 12.51 9.73
C SER B 20 19.43 11.76 10.16
N PRO B 21 19.33 11.46 11.45
CA PRO B 21 18.21 10.80 12.09
C PRO B 21 16.99 11.71 12.05
N PHE B 22 17.19 13.01 11.92
CA PHE B 22 16.05 13.91 11.83
C PHE B 22 15.28 13.61 10.56
N ASN B 23 15.92 12.89 9.64
CA ASN B 23 15.18 12.39 8.49
C ASN B 23 14.12 11.43 8.95
N ARG B 24 14.41 10.75 10.05
CA ARG B 24 13.53 9.73 10.59
C ARG B 24 12.37 10.33 11.36
N ASN B 25 12.65 11.24 12.29
CA ASN B 25 11.56 11.83 13.08
C ASN B 25 10.73 12.88 12.32
N LEU B 26 11.26 13.37 11.19
CA LEU B 26 10.50 14.24 10.30
C LEU B 26 9.40 13.49 9.55
N ARG B 27 9.73 12.36 8.96
CA ARG B 27 8.81 11.63 8.10
C ARG B 27 7.67 10.91 8.82
N ALA B 28 7.90 10.46 10.04
CA ALA B 28 6.84 9.82 10.81
C ALA B 28 5.81 10.83 11.27
N MET B 29 6.31 12.00 11.70
CA MET B 29 5.47 13.14 12.00
C MET B 29 4.65 13.52 10.77
N LEU B 30 5.33 13.65 9.64
CA LEU B 30 4.66 13.96 8.40
C LEU B 30 3.61 12.90 8.08
N ALA B 31 3.96 11.65 8.39
CA ALA B 31 3.02 10.55 8.20
C ALA B 31 1.82 10.75 9.12
N ASP B 32 2.06 11.26 10.32
CA ASP B 32 0.99 11.61 11.25
C ASP B 32 0.08 12.68 10.65
N LEU B 33 0.69 13.70 10.02
CA LEU B 33 -0.07 14.74 9.31
C LEU B 33 -0.94 14.15 8.21
N ARG B 34 -0.32 13.35 7.37
CA ARG B 34 -0.97 12.77 6.21
C ARG B 34 -2.27 12.06 6.59
N GLN B 35 -2.21 11.26 7.65
CA GLN B 35 -3.32 10.38 8.00
C GLN B 35 -4.33 11.00 8.97
N ASN B 36 -3.97 12.12 9.60
CA ASN B 36 -4.80 12.69 10.66
C ASN B 36 -5.50 14.01 10.37
N THR B 37 -4.82 14.92 9.68
CA THR B 37 -5.35 16.25 9.38
C THR B 37 -6.82 16.21 8.97
N ALA B 38 -7.14 15.25 8.11
CA ALA B 38 -8.49 15.13 7.56
C ALA B 38 -9.55 14.86 8.63
N PHE B 39 -9.12 14.26 9.73
CA PHE B 39 -10.04 13.79 10.76
C PHE B 39 -9.95 14.61 12.04
N SER B 40 -9.33 15.78 11.92
CA SER B 40 -9.12 16.67 13.05
C SER B 40 -9.39 18.10 12.64
N GLY B 41 -10.41 18.34 11.87
CA GLY B 41 -10.74 19.69 11.51
C GLY B 41 -10.02 20.28 10.34
N TYR B 42 -9.16 19.51 9.72
CA TYR B 42 -8.53 19.92 8.50
C TYR B 42 -7.35 20.83 8.77
N ASP B 43 -7.18 21.19 10.01
CA ASP B 43 -6.04 21.94 10.45
C ASP B 43 -5.69 21.29 11.73
N TYR B 44 -4.64 20.49 11.68
CA TYR B 44 -4.23 19.56 12.73
C TYR B 44 -2.75 19.75 13.07
N LYS B 45 -2.41 19.63 14.36
CA LYS B 45 -1.02 19.76 14.81
C LYS B 45 -0.46 18.56 15.57
N THR B 46 0.79 18.21 15.27
CA THR B 46 1.49 17.16 16.01
C THR B 46 3.01 17.35 15.95
N SER B 47 3.74 16.57 16.75
CA SER B 47 5.20 16.66 16.88
C SER B 47 5.81 15.29 17.13
N ARG B 48 7.05 15.10 16.69
CA ARG B 48 7.83 13.87 16.93
C ARG B 48 9.21 14.26 17.37
N ALA B 49 9.56 13.88 18.58
CA ALA B 49 10.83 14.27 19.13
C ALA B 49 11.98 13.66 18.41
N GLY B 50 13.17 13.92 18.90
CA GLY B 50 14.36 13.38 18.31
C GLY B 50 15.09 12.39 19.16
N SER B 51 15.60 11.38 18.50
CA SER B 51 16.47 10.43 19.17
C SER B 51 17.87 10.54 18.57
N GLY B 52 18.88 10.09 19.31
CA GLY B 52 20.25 10.18 18.82
C GLY B 52 20.68 11.56 18.36
N GLY B 53 20.34 12.58 19.14
CA GLY B 53 20.92 13.92 19.00
C GLY B 53 20.27 14.89 18.03
N ALA B 54 19.19 14.44 17.39
CA ALA B 54 18.49 15.23 16.37
C ALA B 54 17.31 16.02 16.94
N PRO B 55 17.04 17.19 16.33
CA PRO B 55 15.99 18.10 16.81
C PRO B 55 14.60 17.49 16.74
N THR B 56 13.69 18.00 17.56
CA THR B 56 12.28 17.61 17.49
C THR B 56 11.79 18.06 16.12
N ALA B 57 10.86 17.31 15.53
CA ALA B 57 10.26 17.74 14.27
C ALA B 57 8.85 18.26 14.51
N TYR B 58 8.65 19.56 14.29
CA TYR B 58 7.35 20.22 14.41
C TYR B 58 6.73 20.44 13.04
N GLY B 59 5.41 20.40 12.94
CA GLY B 59 4.77 20.59 11.66
C GLY B 59 3.29 20.91 11.70
N ARG B 60 2.80 21.39 10.56
CA ARG B 60 1.42 21.82 10.37
C ARG B 60 0.94 21.38 8.98
N ALA B 61 -0.31 20.92 8.90
CA ALA B 61 -0.91 20.53 7.61
C ALA B 61 -2.36 20.97 7.54
N THR B 62 -2.74 21.60 6.44
CA THR B 62 -4.10 22.05 6.31
C THR B 62 -4.68 21.56 5.00
N CYS B 63 -5.98 21.68 4.88
CA CYS B 63 -6.71 21.38 3.67
C CYS B 63 -7.86 22.35 3.51
N LYS B 64 -8.16 22.72 2.26
CA LYS B 64 -9.33 23.55 1.97
C LYS B 64 -10.57 22.86 2.53
N GLN B 65 -11.56 23.63 2.95
CA GLN B 65 -12.70 23.06 3.68
C GLN B 65 -13.75 22.37 2.82
N SER B 66 -13.78 22.68 1.52
CA SER B 66 -14.80 22.13 0.65
C SER B 66 -14.57 20.68 0.17
N ILE B 67 -13.36 20.13 0.34
CA ILE B 67 -13.02 18.82 -0.25
C ILE B 67 -13.28 17.56 0.60
N SER B 68 -13.64 16.46 -0.06
CA SER B 68 -13.94 15.21 0.62
C SER B 68 -12.75 14.76 1.43
N GLN B 69 -12.99 14.22 2.62
CA GLN B 69 -11.90 13.84 3.51
C GLN B 69 -10.89 12.97 2.79
N SER B 70 -11.38 12.11 1.90
CA SER B 70 -10.49 11.23 1.14
C SER B 70 -9.60 12.04 0.19
N ASP B 71 -10.18 13.05 -0.47
CA ASP B 71 -9.41 13.88 -1.39
C ASP B 71 -8.38 14.74 -0.63
N CYS B 72 -8.62 14.97 0.65
CA CYS B 72 -7.65 15.71 1.48
C CYS B 72 -6.35 14.90 1.69
N THR B 73 -6.50 13.65 2.12
CA THR B 73 -5.35 12.79 2.39
C THR B 73 -4.46 12.60 1.16
N ALA B 74 -5.06 12.26 0.02
CA ALA B 74 -4.32 11.98 -1.20
C ALA B 74 -3.55 13.22 -1.63
N CYS B 75 -4.10 14.38 -1.33
CA CYS B 75 -3.44 15.65 -1.55
C CYS B 75 -2.30 15.84 -0.60
N LEU B 76 -2.49 15.51 0.67
CA LEU B 76 -1.40 15.56 1.64
C LEU B 76 -0.38 14.44 1.40
N SER B 77 -0.87 13.28 0.96
CA SER B 77 0.01 12.22 0.51
C SER B 77 0.92 12.83 -0.55
N ASN B 78 0.31 13.34 -1.60
CA ASN B 78 1.08 13.98 -2.65
C ASN B 78 2.12 14.93 -2.05
N LEU B 79 1.67 15.94 -1.33
CA LEU B 79 2.57 16.99 -0.85
C LEU B 79 3.83 16.40 -0.20
N VAL B 80 3.65 15.55 0.79
CA VAL B 80 4.76 14.92 1.48
C VAL B 80 5.83 14.38 0.51
N ASN B 81 5.41 13.99 -0.69
CA ASN B 81 6.33 13.52 -1.73
C ASN B 81 7.12 14.65 -2.34
N ARG B 82 6.37 15.67 -2.78
CA ARG B 82 6.98 16.80 -3.44
C ARG B 82 7.80 17.66 -2.50
N ILE B 83 7.38 17.80 -1.25
CA ILE B 83 8.01 18.80 -0.40
C ILE B 83 9.53 18.64 -0.26
N PHE B 84 10.02 17.40 -0.23
CA PHE B 84 11.46 17.22 -0.18
C PHE B 84 12.05 17.64 -1.52
N SER B 85 11.27 17.48 -2.58
CA SER B 85 11.66 17.87 -3.91
C SER B 85 11.81 19.40 -4.06
N ILE B 86 10.79 20.13 -3.58
CA ILE B 86 10.71 21.58 -3.75
C ILE B 86 11.76 22.38 -2.96
N CYS B 87 12.12 21.88 -1.79
CA CYS B 87 12.95 22.64 -0.86
C CYS B 87 14.38 22.10 -0.75
N ASN B 88 14.61 20.92 -1.31
CA ASN B 88 15.93 20.33 -1.31
C ASN B 88 16.34 19.91 0.10
N ASN B 89 15.42 19.21 0.76
CA ASN B 89 15.70 18.64 2.08
C ASN B 89 15.98 19.70 3.13
N ALA B 90 15.29 20.84 3.03
CA ALA B 90 15.52 21.94 3.95
C ALA B 90 15.20 21.47 5.35
N ILE B 91 15.86 22.07 6.33
CA ILE B 91 15.52 21.81 7.71
C ILE B 91 14.22 22.55 8.04
N GLY B 92 13.79 23.39 7.10
CA GLY B 92 12.55 24.12 7.24
C GLY B 92 11.86 24.29 5.90
N ALA B 93 10.57 23.98 5.86
CA ALA B 93 9.77 24.10 4.64
C ALA B 93 8.32 24.49 4.91
N ARG B 94 7.78 25.30 3.99
CA ARG B 94 6.36 25.65 3.96
C ARG B 94 5.88 25.57 2.54
N VAL B 95 4.86 24.76 2.27
CA VAL B 95 4.33 24.72 0.92
C VAL B 95 2.82 24.88 0.90
N GLN B 96 2.35 25.83 0.10
CA GLN B 96 0.93 25.96 -0.17
C GLN B 96 0.59 25.35 -1.53
N LEU B 97 -0.42 24.49 -1.57
CA LEU B 97 -0.99 24.01 -2.82
C LEU B 97 -2.42 24.51 -2.91
N VAL B 98 -3.10 24.21 -4.01
CA VAL B 98 -4.47 24.67 -4.20
C VAL B 98 -5.43 24.18 -3.12
N ASP B 99 -5.16 23.01 -2.55
CA ASP B 99 -6.10 22.48 -1.58
C ASP B 99 -5.47 22.08 -0.26
N CYS B 100 -4.16 22.19 -0.16
CA CYS B 100 -3.41 21.72 1.01
C CYS B 100 -2.12 22.53 1.31
N PHE B 101 -1.69 22.62 2.56
CA PHE B 101 -0.51 23.37 2.96
C PHE B 101 0.16 22.60 4.09
N ILE B 102 1.44 22.31 3.95
CA ILE B 102 2.19 21.74 5.04
C ILE B 102 3.29 22.70 5.46
N GLN B 103 3.71 22.57 6.71
CA GLN B 103 4.77 23.38 7.24
C GLN B 103 5.50 22.52 8.23
N TYR B 104 6.83 22.54 8.18
CA TYR B 104 7.62 21.76 9.12
C TYR B 104 8.86 22.48 9.62
N GLU B 105 9.22 22.25 10.87
CA GLU B 105 10.26 23.01 11.54
C GLU B 105 10.98 22.14 12.55
N GLN B 106 12.11 22.62 13.03
CA GLN B 106 12.80 21.96 14.12
C GLN B 106 12.67 22.79 15.40
N ARG B 107 11.74 23.74 15.35
CA ARG B 107 11.33 24.54 16.51
C ARG B 107 9.82 24.72 16.43
N SER B 108 9.13 24.65 17.57
CA SER B 108 7.69 24.85 17.59
C SER B 108 7.37 26.20 17.00
N PHE B 109 6.31 26.25 16.20
CA PHE B 109 5.95 27.49 15.51
C PHE B 109 4.47 27.83 15.70
N ALA C 2 24.47 -11.34 12.89
CA ALA C 2 24.38 -10.62 11.61
C ALA C 2 24.72 -11.50 10.41
N ASN C 3 23.68 -12.11 9.89
CA ASN C 3 23.71 -13.00 8.75
C ASN C 3 23.52 -12.20 7.49
N THR C 4 24.57 -12.00 6.73
CA THR C 4 24.52 -11.16 5.57
C THR C 4 24.65 -12.03 4.34
N ALA C 5 23.98 -13.15 4.35
CA ALA C 5 24.01 -14.03 3.22
C ALA C 5 22.97 -13.67 2.18
N PHE C 6 23.32 -13.67 0.91
CA PHE C 6 22.37 -13.33 -0.13
C PHE C 6 21.12 -14.20 -0.30
N VAL C 7 19.96 -13.60 -0.55
CA VAL C 7 18.71 -14.33 -0.75
C VAL C 7 18.02 -14.07 -2.06
N SER C 8 17.59 -12.87 -2.33
CA SER C 8 16.92 -12.63 -3.58
C SER C 8 17.28 -11.30 -4.15
N SER C 9 17.00 -11.08 -5.42
CA SER C 9 17.15 -9.78 -5.98
C SER C 9 16.37 -9.56 -7.24
N ALA C 10 16.08 -8.32 -7.52
CA ALA C 10 15.44 -7.90 -8.74
C ALA C 10 16.00 -6.57 -9.03
N CYS C 11 16.66 -6.42 -10.12
CA CYS C 11 17.28 -5.14 -10.45
C CYS C 11 16.58 -4.56 -11.66
N ASN C 12 16.78 -3.28 -11.92
CA ASN C 12 16.24 -2.65 -13.11
C ASN C 12 17.14 -2.90 -14.32
N THR C 13 16.55 -3.06 -15.50
CA THR C 13 17.31 -3.26 -16.73
C THR C 13 18.12 -2.01 -17.09
N GLN C 14 17.55 -0.84 -16.84
CA GLN C 14 18.26 0.42 -17.04
C GLN C 14 19.20 0.73 -15.88
N LYS C 15 20.35 1.32 -16.20
CA LYS C 15 21.37 1.62 -15.18
C LYS C 15 21.68 3.11 -15.06
N ILE C 16 22.14 3.49 -13.86
CA ILE C 16 22.52 4.87 -13.60
C ILE C 16 23.77 5.18 -14.39
N PRO C 17 23.64 6.08 -15.38
CA PRO C 17 24.81 6.59 -16.12
C PRO C 17 25.90 6.95 -15.14
N SER C 18 27.14 6.64 -15.50
CA SER C 18 28.28 7.12 -14.75
C SER C 18 28.32 8.64 -14.90
N GLY C 19 28.65 9.34 -13.81
CA GLY C 19 28.67 10.78 -13.85
C GLY C 19 27.28 11.41 -13.90
N SER C 20 26.28 10.59 -13.59
CA SER C 20 24.93 11.11 -13.37
C SER C 20 24.88 11.63 -11.94
N PRO C 21 24.25 12.80 -11.74
CA PRO C 21 24.05 13.39 -10.41
C PRO C 21 23.27 12.51 -9.44
N PHE C 22 22.37 11.66 -9.95
CA PHE C 22 21.55 10.74 -9.13
C PHE C 22 22.39 9.96 -8.12
N ASN C 23 23.65 9.79 -8.46
CA ASN C 23 24.56 9.07 -7.60
C ASN C 23 24.74 9.79 -6.28
N ARG C 24 24.96 11.10 -6.32
CA ARG C 24 25.10 11.87 -5.09
C ARG C 24 23.95 11.52 -4.13
N ASN C 25 22.70 11.78 -4.54
CA ASN C 25 21.55 11.58 -3.66
C ASN C 25 21.16 10.12 -3.39
N LEU C 26 21.28 9.25 -4.39
CA LEU C 26 21.05 7.82 -4.15
C LEU C 26 21.84 7.36 -2.96
N ARG C 27 23.07 7.86 -2.83
CA ARG C 27 23.96 7.39 -1.79
C ARG C 27 23.64 8.00 -0.42
N ALA C 28 23.05 9.20 -0.42
CA ALA C 28 22.76 9.93 0.83
C ALA C 28 21.53 9.39 1.57
N MET C 29 20.53 8.98 0.80
CA MET C 29 19.31 8.37 1.34
C MET C 29 19.59 6.95 1.79
N LEU C 30 20.37 6.20 1.00
CA LEU C 30 20.83 4.89 1.42
C LEU C 30 21.51 5.03 2.78
N ALA C 31 22.24 6.13 2.95
CA ALA C 31 22.87 6.47 4.22
C ALA C 31 21.77 6.78 5.22
N ASP C 32 20.73 7.43 4.75
CA ASP C 32 19.56 7.72 5.56
C ASP C 32 18.99 6.40 6.06
N LEU C 33 19.04 5.37 5.21
CA LEU C 33 18.41 4.07 5.46
C LEU C 33 19.21 3.17 6.41
N ARG C 34 20.51 3.10 6.22
CA ARG C 34 21.37 2.26 7.05
C ARG C 34 21.47 2.78 8.47
N GLN C 35 21.44 4.10 8.59
CA GLN C 35 21.60 4.79 9.87
C GLN C 35 20.32 4.79 10.73
N ASN C 36 19.16 4.88 10.09
CA ASN C 36 17.88 5.09 10.79
C ASN C 36 16.88 3.92 10.89
N THR C 37 17.03 2.90 10.05
CA THR C 37 16.06 1.77 9.98
C THR C 37 15.84 1.02 11.30
N ALA C 38 16.90 0.90 12.10
CA ALA C 38 16.83 0.21 13.39
C ALA C 38 16.05 0.99 14.46
N PHE C 39 15.90 2.29 14.21
CA PHE C 39 15.14 3.16 15.11
C PHE C 39 13.78 3.51 14.51
N SER C 40 13.30 2.69 13.57
CA SER C 40 12.00 2.92 12.96
C SER C 40 11.22 1.61 12.85
N GLY C 41 11.25 0.83 13.92
CA GLY C 41 10.49 -0.40 14.00
C GLY C 41 10.89 -1.46 12.98
N TYR C 42 12.07 -1.26 12.40
CA TYR C 42 12.59 -2.12 11.39
C TYR C 42 11.88 -2.11 10.04
N ASP C 43 11.23 -1.01 9.70
CA ASP C 43 10.61 -0.88 8.42
C ASP C 43 10.55 0.60 8.22
N TYR C 44 11.35 1.12 7.31
CA TYR C 44 11.62 2.52 7.24
C TYR C 44 11.71 3.04 5.86
N LYS C 45 10.90 4.04 5.54
CA LYS C 45 10.87 4.64 4.21
C LYS C 45 11.35 6.08 4.22
N THR C 46 12.20 6.44 3.26
CA THR C 46 12.68 7.82 3.16
C THR C 46 13.01 8.22 1.71
N SER C 47 13.50 9.43 1.55
CA SER C 47 13.84 9.90 0.23
C SER C 47 14.99 10.88 0.24
N ARG C 48 15.28 11.46 -0.90
CA ARG C 48 16.30 12.47 -0.98
C ARG C 48 16.07 12.96 -2.38
N ALA C 49 16.10 14.26 -2.55
CA ALA C 49 15.89 14.87 -3.83
C ALA C 49 17.29 15.21 -4.18
N GLY C 50 17.53 15.30 -5.46
CA GLY C 50 18.90 15.56 -5.86
C GLY C 50 19.10 16.84 -6.64
N SER C 51 20.37 17.20 -6.85
CA SER C 51 20.75 18.41 -7.56
C SER C 51 20.98 18.13 -9.04
N GLY C 52 20.98 19.19 -9.83
CA GLY C 52 21.34 19.10 -11.24
C GLY C 52 20.46 18.23 -12.13
N GLY C 53 19.19 18.08 -11.75
CA GLY C 53 18.25 17.33 -12.59
C GLY C 53 18.31 15.84 -12.38
N ALA C 54 18.43 15.44 -11.12
CA ALA C 54 18.47 14.04 -10.77
C ALA C 54 17.17 13.67 -10.06
N PRO C 55 16.59 12.52 -10.42
CA PRO C 55 15.37 12.00 -9.80
C PRO C 55 15.41 12.06 -8.26
N THR C 56 14.30 12.41 -7.63
CA THR C 56 14.18 12.22 -6.20
C THR C 56 14.43 10.72 -5.99
N ALA C 57 15.25 10.36 -5.02
CA ALA C 57 15.51 8.95 -4.72
C ALA C 57 14.65 8.47 -3.57
N TYR C 58 13.77 7.51 -3.85
CA TYR C 58 12.84 6.99 -2.84
C TYR C 58 13.29 5.59 -2.43
N GLY C 59 13.13 5.22 -1.16
CA GLY C 59 13.54 3.89 -0.73
C GLY C 59 12.92 3.30 0.53
N ARG C 60 13.32 2.06 0.83
CA ARG C 60 12.81 1.30 1.98
C ARG C 60 13.81 0.24 2.42
N ALA C 61 13.97 0.11 3.73
CA ALA C 61 14.85 -0.91 4.27
C ALA C 61 14.07 -1.64 5.34
N THR C 62 14.45 -2.89 5.59
CA THR C 62 13.89 -3.61 6.71
C THR C 62 14.94 -4.52 7.29
N CYS C 63 14.76 -4.86 8.55
CA CYS C 63 15.64 -5.82 9.17
C CYS C 63 14.75 -6.81 9.88
N LYS C 64 15.15 -8.08 9.88
CA LYS C 64 14.36 -9.11 10.53
C LYS C 64 14.11 -8.73 11.99
N GLN C 65 12.86 -8.90 12.44
CA GLN C 65 12.45 -8.34 13.72
C GLN C 65 13.21 -8.90 14.90
N SER C 66 13.75 -10.09 14.72
CA SER C 66 14.33 -10.88 15.80
C SER C 66 15.71 -10.40 16.26
N ILE C 67 16.48 -9.76 15.38
CA ILE C 67 17.86 -9.39 15.72
C ILE C 67 17.97 -8.10 16.51
N SER C 68 19.21 -7.73 16.80
CA SER C 68 19.54 -6.50 17.51
C SER C 68 19.58 -5.30 16.55
N GLN C 69 19.87 -4.13 17.11
CA GLN C 69 19.98 -2.90 16.33
C GLN C 69 21.38 -2.74 15.74
N SER C 70 22.41 -3.03 16.54
CA SER C 70 23.80 -3.02 16.07
C SER C 70 23.93 -3.88 14.82
N ASP C 71 23.29 -5.04 14.86
CA ASP C 71 23.32 -5.99 13.75
C ASP C 71 22.43 -5.53 12.60
N CYS C 72 21.28 -4.95 12.91
CA CYS C 72 20.40 -4.43 11.86
C CYS C 72 21.12 -3.34 11.07
N THR C 73 21.81 -2.47 11.77
CA THR C 73 22.56 -1.40 11.14
C THR C 73 23.66 -2.01 10.32
N ALA C 74 24.49 -2.83 10.97
CA ALA C 74 25.64 -3.45 10.32
C ALA C 74 25.23 -4.29 9.12
N CYS C 75 23.99 -4.78 9.16
CA CYS C 75 23.41 -5.52 8.04
C CYS C 75 23.07 -4.59 6.86
N LEU C 76 22.55 -3.40 7.18
CA LEU C 76 22.25 -2.42 6.15
C LEU C 76 23.52 -1.72 5.67
N SER C 77 24.58 -1.75 6.47
CA SER C 77 25.87 -1.21 6.03
C SER C 77 26.50 -2.12 4.99
N ASN C 78 26.41 -3.43 5.24
CA ASN C 78 26.87 -4.47 4.33
C ASN C 78 26.07 -4.45 3.01
N LEU C 79 24.74 -4.40 3.08
CA LEU C 79 23.89 -4.41 1.88
C LEU C 79 24.20 -3.20 1.00
N VAL C 80 24.38 -2.04 1.62
CA VAL C 80 24.72 -0.82 0.89
C VAL C 80 26.07 -0.95 0.17
N ASN C 81 26.96 -1.77 0.71
CA ASN C 81 28.23 -2.10 0.04
C ASN C 81 28.00 -2.84 -1.28
N ARG C 82 26.99 -3.69 -1.31
CA ARG C 82 26.83 -4.68 -2.36
C ARG C 82 25.81 -4.32 -3.45
N ILE C 83 24.81 -3.54 -3.06
CA ILE C 83 23.63 -3.33 -3.90
C ILE C 83 23.99 -2.76 -5.29
N PHE C 84 25.12 -2.07 -5.39
CA PHE C 84 25.55 -1.53 -6.67
C PHE C 84 26.17 -2.57 -7.59
N SER C 85 26.96 -3.47 -7.04
CA SER C 85 27.55 -4.53 -7.84
C SER C 85 26.50 -5.57 -8.19
N ILE C 86 25.76 -6.03 -7.17
CA ILE C 86 24.70 -6.99 -7.36
C ILE C 86 23.84 -6.64 -8.56
N CYS C 87 23.37 -5.42 -8.58
CA CYS C 87 22.45 -4.97 -9.59
C CYS C 87 23.02 -4.10 -10.68
N ASN C 88 24.31 -3.84 -10.62
CA ASN C 88 25.05 -3.10 -11.64
C ASN C 88 24.66 -1.65 -11.80
N ASN C 89 24.43 -0.96 -10.72
CA ASN C 89 24.09 0.42 -10.77
C ASN C 89 22.77 0.63 -11.47
N ALA C 90 21.77 -0.15 -11.06
CA ALA C 90 20.42 0.01 -11.62
C ALA C 90 19.79 1.27 -11.08
N ILE C 91 18.91 1.89 -11.85
CA ILE C 91 18.23 3.08 -11.36
C ILE C 91 17.16 2.65 -10.39
N GLY C 92 17.11 1.34 -10.14
CA GLY C 92 16.08 0.73 -9.33
C GLY C 92 16.45 -0.71 -9.00
N ALA C 93 16.37 -1.05 -7.72
CA ALA C 93 16.72 -2.35 -7.25
C ALA C 93 16.16 -2.69 -5.89
N ARG C 94 16.14 -3.95 -5.57
CA ARG C 94 15.76 -4.40 -4.27
C ARG C 94 16.63 -5.59 -3.99
N VAL C 95 17.26 -5.64 -2.84
CA VAL C 95 18.08 -6.75 -2.48
C VAL C 95 17.69 -7.23 -1.13
N GLN C 96 17.61 -8.53 -1.01
CA GLN C 96 17.33 -9.19 0.26
C GLN C 96 18.54 -10.00 0.68
N LEU C 97 19.06 -9.69 1.87
CA LEU C 97 19.95 -10.59 2.59
C LEU C 97 19.09 -11.30 3.61
N VAL C 98 19.69 -12.12 4.45
CA VAL C 98 18.89 -12.82 5.46
C VAL C 98 18.31 -11.89 6.55
N ASP C 99 19.11 -10.97 7.07
CA ASP C 99 18.68 -10.07 8.16
C ASP C 99 18.18 -8.69 7.71
N CYS C 100 18.53 -8.30 6.47
CA CYS C 100 18.25 -6.97 5.96
C CYS C 100 17.47 -6.99 4.69
N PHE C 101 16.99 -5.81 4.32
CA PHE C 101 16.42 -5.59 3.02
C PHE C 101 16.64 -4.15 2.63
N ILE C 102 16.93 -3.94 1.35
CA ILE C 102 16.92 -2.60 0.80
C ILE C 102 16.38 -2.68 -0.61
N GLN C 103 15.56 -1.71 -0.97
CA GLN C 103 15.16 -1.55 -2.34
C GLN C 103 15.18 -0.07 -2.63
N TYR C 104 15.56 0.30 -3.84
CA TYR C 104 15.52 1.71 -4.22
C TYR C 104 14.91 1.93 -5.60
N GLU C 105 14.35 3.12 -5.79
CA GLU C 105 13.66 3.50 -7.03
C GLU C 105 13.91 4.97 -7.34
N GLN C 106 13.51 5.41 -8.53
CA GLN C 106 13.61 6.83 -8.88
C GLN C 106 12.26 7.56 -8.71
N ARG C 107 11.31 6.81 -8.17
CA ARG C 107 10.01 7.32 -7.81
C ARG C 107 9.41 6.52 -6.69
N SER C 108 8.44 7.11 -6.02
CA SER C 108 7.94 6.61 -4.76
C SER C 108 7.26 5.32 -4.93
N PHE C 109 6.89 4.70 -3.83
CA PHE C 109 6.26 3.40 -3.91
C PHE C 109 5.74 2.81 -2.62
N ALA D 2 -15.77 -10.65 23.20
CA ALA D 2 -16.35 -10.20 21.93
C ALA D 2 -16.80 -8.74 21.96
N ASN D 3 -15.83 -7.82 22.05
CA ASN D 3 -16.07 -6.38 22.33
C ASN D 3 -16.40 -5.49 21.13
N THR D 4 -17.64 -5.04 21.04
CA THR D 4 -18.14 -4.38 19.84
C THR D 4 -18.31 -2.87 19.97
N ALA D 5 -17.61 -2.25 20.91
CA ALA D 5 -17.82 -0.81 21.15
C ALA D 5 -17.34 0.04 19.98
N PHE D 6 -18.05 1.12 19.67
CA PHE D 6 -17.68 2.00 18.59
C PHE D 6 -16.46 2.79 18.96
N VAL D 7 -15.61 3.05 17.98
CA VAL D 7 -14.38 3.81 18.18
C VAL D 7 -14.25 4.95 17.19
N SER D 8 -14.20 4.60 15.93
CA SER D 8 -14.11 5.59 14.88
C SER D 8 -14.89 5.24 13.63
N SER D 9 -14.97 6.19 12.72
CA SER D 9 -15.72 6.00 11.50
C SER D 9 -15.65 7.20 10.58
N ALA D 10 -15.57 6.95 9.29
CA ALA D 10 -15.60 8.00 8.30
C ALA D 10 -16.65 7.65 7.28
N CYS D 11 -17.34 8.63 6.73
CA CYS D 11 -18.43 8.30 5.83
C CYS D 11 -18.23 9.05 4.53
N ASN D 12 -18.46 8.38 3.40
CA ASN D 12 -18.45 9.10 2.13
C ASN D 12 -19.68 9.99 2.09
N THR D 13 -19.50 11.22 1.62
CA THR D 13 -20.58 12.20 1.67
C THR D 13 -21.77 11.87 0.79
N GLN D 14 -21.59 10.98 -0.18
CA GLN D 14 -22.72 10.56 -1.00
C GLN D 14 -23.28 9.19 -0.64
N LYS D 15 -24.57 9.01 -0.89
CA LYS D 15 -25.24 7.78 -0.51
C LYS D 15 -25.66 6.97 -1.71
N ILE D 16 -25.77 5.66 -1.49
CA ILE D 16 -26.25 4.72 -2.47
C ILE D 16 -27.73 5.01 -2.69
N PRO D 17 -28.10 5.49 -3.86
CA PRO D 17 -29.50 5.78 -4.17
C PRO D 17 -30.32 4.55 -3.79
N SER D 18 -31.47 4.72 -3.14
CA SER D 18 -32.26 3.57 -2.72
C SER D 18 -32.76 2.78 -3.93
N GLY D 19 -32.81 1.45 -3.80
CA GLY D 19 -33.18 0.59 -4.91
C GLY D 19 -31.99 0.16 -5.76
N SER D 20 -30.81 0.69 -5.44
CA SER D 20 -29.58 0.44 -6.21
C SER D 20 -29.11 -1.01 -6.12
N PRO D 21 -28.70 -1.55 -7.31
CA PRO D 21 -28.22 -2.96 -7.40
C PRO D 21 -26.87 -3.15 -6.72
N PHE D 22 -26.22 -2.06 -6.36
CA PHE D 22 -24.98 -2.12 -5.61
C PHE D 22 -25.23 -2.62 -4.19
N ASN D 23 -26.48 -2.49 -3.74
CA ASN D 23 -26.81 -3.01 -2.44
C ASN D 23 -26.73 -4.54 -2.42
N ARG D 24 -27.12 -5.20 -3.51
CA ARG D 24 -27.00 -6.66 -3.57
C ARG D 24 -25.53 -7.10 -3.40
N ASN D 25 -24.63 -6.58 -4.24
CA ASN D 25 -23.22 -7.00 -4.21
C ASN D 25 -22.41 -6.41 -3.06
N LEU D 26 -22.86 -5.27 -2.53
CA LEU D 26 -22.27 -4.70 -1.32
C LEU D 26 -22.52 -5.61 -0.13
N ARG D 27 -23.77 -6.05 0.04
CA ARG D 27 -24.08 -6.97 1.13
C ARG D 27 -23.30 -8.28 0.98
N ALA D 28 -23.39 -8.90 -0.19
CA ALA D 28 -22.64 -10.12 -0.48
C ALA D 28 -21.16 -9.91 -0.20
N MET D 29 -20.67 -8.71 -0.48
CA MET D 29 -19.27 -8.39 -0.22
C MET D 29 -18.98 -8.43 1.28
N LEU D 30 -19.92 -7.92 2.07
CA LEU D 30 -19.74 -7.83 3.52
C LEU D 30 -19.93 -9.19 4.21
N ALA D 31 -20.68 -10.08 3.56
CA ALA D 31 -20.81 -11.47 4.02
C ALA D 31 -19.45 -12.17 4.00
N ASP D 32 -18.69 -11.87 2.96
CA ASP D 32 -17.33 -12.40 2.78
C ASP D 32 -16.47 -12.10 4.00
N LEU D 33 -16.19 -10.82 4.24
CA LEU D 33 -15.42 -10.41 5.41
C LEU D 33 -15.91 -11.08 6.71
N ARG D 34 -17.22 -10.99 6.96
CA ARG D 34 -17.83 -11.60 8.15
C ARG D 34 -17.38 -13.04 8.35
N GLN D 35 -17.80 -13.91 7.43
CA GLN D 35 -17.49 -15.33 7.50
C GLN D 35 -15.98 -15.63 7.50
N ASN D 36 -15.21 -14.89 6.70
CA ASN D 36 -13.84 -15.29 6.32
C ASN D 36 -12.66 -14.54 6.96
N THR D 37 -12.86 -13.28 7.36
CA THR D 37 -11.80 -12.50 7.99
C THR D 37 -11.01 -13.26 9.08
N ALA D 38 -11.74 -14.03 9.89
CA ALA D 38 -11.14 -14.80 10.99
C ALA D 38 -10.15 -15.85 10.51
N PHE D 39 -10.20 -16.17 9.24
CA PHE D 39 -9.40 -17.26 8.72
C PHE D 39 -8.35 -16.80 7.76
N SER D 40 -8.29 -15.50 7.59
CA SER D 40 -7.35 -14.94 6.69
C SER D 40 -6.48 -14.02 7.45
N GLY D 41 -6.18 -14.38 8.66
CA GLY D 41 -5.20 -13.64 9.43
C GLY D 41 -5.69 -12.40 10.11
N TYR D 42 -6.99 -12.20 10.19
CA TYR D 42 -7.53 -11.06 10.88
C TYR D 42 -7.26 -9.78 10.09
N ASP D 43 -6.75 -9.93 8.89
CA ASP D 43 -6.70 -8.87 7.93
C ASP D 43 -7.08 -9.49 6.66
N TYR D 44 -8.24 -9.15 6.17
CA TYR D 44 -8.76 -9.75 4.96
C TYR D 44 -9.36 -8.70 4.05
N LYS D 45 -9.06 -8.82 2.76
CA LYS D 45 -9.62 -7.91 1.76
C LYS D 45 -10.30 -8.75 0.69
N THR D 46 -11.48 -8.33 0.29
CA THR D 46 -12.25 -9.09 -0.68
C THR D 46 -13.13 -8.17 -1.52
N SER D 47 -13.87 -8.74 -2.46
CA SER D 47 -14.60 -7.93 -3.43
C SER D 47 -15.69 -8.75 -4.09
N ARG D 48 -16.81 -8.11 -4.42
CA ARG D 48 -17.82 -8.80 -5.22
C ARG D 48 -18.36 -7.96 -6.34
N ALA D 49 -18.60 -8.62 -7.47
CA ALA D 49 -19.16 -7.99 -8.65
C ALA D 49 -20.67 -7.88 -8.54
N GLY D 50 -21.19 -6.81 -9.12
CA GLY D 50 -22.61 -6.58 -9.18
C GLY D 50 -23.11 -6.55 -10.59
N SER D 51 -24.38 -6.32 -10.78
CA SER D 51 -24.96 -6.39 -12.08
C SER D 51 -25.85 -5.21 -12.24
N GLY D 52 -26.55 -5.15 -13.34
CA GLY D 52 -27.48 -4.09 -13.56
C GLY D 52 -26.87 -2.75 -13.36
N GLY D 53 -25.68 -2.55 -13.88
CA GLY D 53 -25.03 -1.25 -13.90
C GLY D 53 -24.14 -0.96 -12.71
N ALA D 54 -24.39 -1.67 -11.62
CA ALA D 54 -23.73 -1.43 -10.35
C ALA D 54 -22.23 -1.69 -10.42
N PRO D 55 -21.45 -0.91 -9.68
CA PRO D 55 -20.00 -1.01 -9.58
C PRO D 55 -19.61 -2.16 -8.70
N THR D 56 -18.33 -2.50 -8.69
CA THR D 56 -17.84 -3.57 -7.83
C THR D 56 -17.75 -3.07 -6.39
N ALA D 57 -17.98 -3.94 -5.43
CA ALA D 57 -17.80 -3.62 -4.03
C ALA D 57 -16.46 -4.17 -3.56
N TYR D 58 -15.63 -3.29 -3.00
CA TYR D 58 -14.34 -3.69 -2.46
C TYR D 58 -14.33 -3.50 -0.93
N GLY D 59 -13.73 -4.45 -0.21
CA GLY D 59 -13.72 -4.37 1.23
C GLY D 59 -12.49 -4.89 1.94
N ARG D 60 -12.28 -4.37 3.15
CA ARG D 60 -11.22 -4.84 4.02
C ARG D 60 -11.82 -4.98 5.40
N ALA D 61 -11.50 -6.06 6.10
CA ALA D 61 -11.96 -6.21 7.47
C ALA D 61 -10.78 -6.65 8.28
N THR D 62 -10.76 -6.29 9.56
CA THR D 62 -9.71 -6.77 10.45
C THR D 62 -10.26 -7.10 11.83
N CYS D 63 -9.41 -7.74 12.62
CA CYS D 63 -9.77 -8.11 13.97
C CYS D 63 -8.56 -7.97 14.89
N LYS D 64 -8.83 -7.67 16.16
CA LYS D 64 -7.77 -7.57 17.15
C LYS D 64 -7.04 -8.91 17.24
N GLN D 65 -5.72 -8.88 17.24
CA GLN D 65 -4.93 -10.10 17.22
C GLN D 65 -5.30 -11.04 18.38
N SER D 66 -5.74 -10.42 19.48
CA SER D 66 -5.96 -11.11 20.74
C SER D 66 -7.13 -12.10 20.69
N ILE D 67 -8.20 -11.73 20.00
CA ILE D 67 -9.46 -12.46 20.14
C ILE D 67 -9.53 -13.80 19.42
N SER D 68 -10.54 -14.59 19.78
CA SER D 68 -10.77 -15.89 19.20
C SER D 68 -11.51 -15.73 17.89
N GLN D 69 -11.29 -16.68 16.97
CA GLN D 69 -12.00 -16.69 15.70
C GLN D 69 -13.51 -16.54 15.87
N SER D 70 -14.08 -17.24 16.84
CA SER D 70 -15.51 -17.09 17.15
C SER D 70 -15.82 -15.63 17.51
N ASP D 71 -14.95 -15.04 18.35
CA ASP D 71 -15.07 -13.65 18.76
C ASP D 71 -15.02 -12.71 17.55
N CYS D 72 -14.00 -12.87 16.73
CA CYS D 72 -13.78 -12.01 15.56
C CYS D 72 -14.98 -11.92 14.63
N THR D 73 -15.64 -13.06 14.44
CA THR D 73 -16.78 -13.14 13.55
C THR D 73 -18.02 -12.62 14.26
N ALA D 74 -18.10 -12.87 15.57
CA ALA D 74 -19.19 -12.31 16.37
C ALA D 74 -19.10 -10.80 16.25
N CYS D 75 -17.88 -10.30 16.29
CA CYS D 75 -17.64 -8.87 16.22
C CYS D 75 -17.89 -8.35 14.81
N LEU D 76 -17.31 -9.00 13.80
CA LEU D 76 -17.51 -8.58 12.41
C LEU D 76 -18.99 -8.65 12.01
N SER D 77 -19.75 -9.53 12.63
CA SER D 77 -21.17 -9.66 12.34
C SER D 77 -21.97 -8.53 13.00
N ASN D 78 -21.45 -8.05 14.14
CA ASN D 78 -22.00 -6.90 14.86
C ASN D 78 -21.84 -5.61 14.04
N LEU D 79 -20.62 -5.38 13.56
CA LEU D 79 -20.24 -4.19 12.79
C LEU D 79 -21.12 -3.98 11.55
N VAL D 80 -21.41 -5.08 10.86
CA VAL D 80 -22.11 -5.04 9.58
C VAL D 80 -23.54 -4.53 9.70
N ASN D 81 -24.28 -5.05 10.67
CA ASN D 81 -25.62 -4.55 10.95
C ASN D 81 -25.59 -3.02 10.99
N ARG D 82 -24.53 -2.49 11.59
CA ARG D 82 -24.44 -1.09 11.92
C ARG D 82 -23.85 -0.20 10.82
N ILE D 83 -22.87 -0.71 10.09
CA ILE D 83 -22.10 0.12 9.18
C ILE D 83 -23.02 0.98 8.33
N PHE D 84 -24.11 0.39 7.87
CA PHE D 84 -25.09 1.12 7.10
C PHE D 84 -25.62 2.28 7.92
N SER D 85 -26.25 1.97 9.05
CA SER D 85 -26.77 3.01 9.95
C SER D 85 -25.77 4.12 10.29
N ILE D 86 -24.63 3.74 10.84
CA ILE D 86 -23.61 4.72 11.21
C ILE D 86 -23.33 5.68 10.06
N CYS D 87 -23.13 5.11 8.87
CA CYS D 87 -22.78 5.93 7.72
C CYS D 87 -23.92 6.11 6.73
N ASN D 88 -25.15 5.93 7.20
CA ASN D 88 -26.35 6.23 6.41
C ASN D 88 -26.40 5.64 4.99
N ASN D 89 -26.22 4.33 4.87
CA ASN D 89 -26.26 3.65 3.58
C ASN D 89 -25.39 4.38 2.55
N ALA D 90 -24.12 4.57 2.89
CA ALA D 90 -23.19 5.38 2.07
C ALA D 90 -22.29 4.57 1.14
N ILE D 91 -21.94 5.17 0.01
CA ILE D 91 -21.11 4.54 -1.02
C ILE D 91 -19.75 4.12 -0.46
N GLY D 92 -19.33 4.79 0.59
CA GLY D 92 -18.06 4.50 1.22
C GLY D 92 -18.18 4.71 2.71
N ALA D 93 -17.58 3.81 3.47
CA ALA D 93 -17.73 3.85 4.91
C ALA D 93 -16.60 3.07 5.57
N ARG D 94 -16.18 3.54 6.73
CA ARG D 94 -15.10 2.96 7.51
C ARG D 94 -15.52 2.96 8.98
N VAL D 95 -15.60 1.78 9.60
CA VAL D 95 -15.98 1.70 11.02
C VAL D 95 -14.99 0.93 11.86
N GLN D 96 -14.58 1.53 12.97
CA GLN D 96 -13.69 0.88 13.90
C GLN D 96 -14.45 0.53 15.15
N LEU D 97 -14.70 -0.76 15.37
CA LEU D 97 -15.18 -1.24 16.66
C LEU D 97 -13.96 -1.59 17.49
N VAL D 98 -14.15 -1.79 18.79
CA VAL D 98 -13.03 -2.12 19.66
C VAL D 98 -12.24 -3.35 19.20
N ASP D 99 -12.93 -4.32 18.60
CA ASP D 99 -12.26 -5.57 18.19
C ASP D 99 -12.33 -5.89 16.68
N CYS D 100 -13.20 -5.22 15.95
CA CYS D 100 -13.25 -5.40 14.51
C CYS D 100 -13.14 -4.05 13.82
N PHE D 101 -13.16 -4.06 12.50
CA PHE D 101 -13.02 -2.89 11.62
C PHE D 101 -13.44 -3.32 10.25
N ILE D 102 -14.27 -2.56 9.57
CA ILE D 102 -14.65 -2.93 8.22
C ILE D 102 -14.61 -1.71 7.33
N GLN D 103 -14.14 -1.89 6.10
CA GLN D 103 -14.05 -0.80 5.13
C GLN D 103 -14.53 -1.29 3.77
N TYR D 104 -15.69 -0.77 3.36
CA TYR D 104 -16.17 -1.04 2.03
C TYR D 104 -16.12 0.26 1.24
N GLU D 105 -15.70 0.18 -0.02
CA GLU D 105 -15.66 1.31 -0.94
C GLU D 105 -16.10 0.82 -2.29
N GLN D 106 -16.08 1.69 -3.30
CA GLN D 106 -16.52 1.32 -4.64
C GLN D 106 -15.39 1.20 -5.67
N ARG D 107 -14.27 1.86 -5.41
CA ARG D 107 -13.07 1.63 -6.20
C ARG D 107 -12.19 0.69 -5.39
N SER D 108 -11.10 0.25 -6.02
CA SER D 108 -10.06 -0.53 -5.35
C SER D 108 -9.24 0.37 -4.41
N PHE D 109 -8.90 -0.14 -3.21
CA PHE D 109 -8.15 0.66 -2.23
C PHE D 109 -6.98 -0.06 -1.55
#